data_1AT4
#
_entry.id   1AT4
#
_cell.length_a   1.000
_cell.length_b   1.000
_cell.length_c   1.000
_cell.angle_alpha   90.00
_cell.angle_beta   90.00
_cell.angle_gamma   90.00
#
_symmetry.space_group_name_H-M   'P 1'
#
_entity_poly.entity_id   1
_entity_poly.type   'polydeoxyribonucleotide'
_entity_poly.pdbx_seq_one_letter_code
;(DG)(DA)(DG)(DA)(DG)(DA)(DT)(DC)(DT)(DC)(DT)(DC)(DC)(DT)(DC)(DT)(DC)(DT)
;
_entity_poly.pdbx_strand_id   A
#
loop_
_chem_comp.id
_chem_comp.type
_chem_comp.name
_chem_comp.formula
DA DNA linking 2'-DEOXYADENOSINE-5'-MONOPHOSPHATE 'C10 H14 N5 O6 P'
DC DNA linking 2'-DEOXYCYTIDINE-5'-MONOPHOSPHATE 'C9 H14 N3 O7 P'
DG DNA linking 2'-DEOXYGUANOSINE-5'-MONOPHOSPHATE 'C10 H14 N5 O7 P'
DT DNA linking THYMIDINE-5'-MONOPHOSPHATE 'C10 H15 N2 O8 P'
#